data_7ACV
#
_entry.id   7ACV
#
_cell.length_a   172.870
_cell.length_b   29.446
_cell.length_c   144.329
_cell.angle_alpha   90.000
_cell.angle_beta   94.219
_cell.angle_gamma   90.000
#
_symmetry.space_group_name_H-M   'C 1 2 1'
#
loop_
_entity.id
_entity.type
_entity.pdbx_description
1 polymer 'LMW SLP'
2 polymer 'HID - interacting domain of SLP HMW'
3 water water
#
loop_
_entity_poly.entity_id
_entity_poly.type
_entity_poly.pdbx_seq_one_letter_code
_entity_poly.pdbx_strand_id
1 'polypeptide(L)'
;MADSTTPGYTVVKNDWKKAVKQLQDGLKNKTISTIKVSFNGNSVGEVTPASSGAKKADRDAAAEKLYNLVNTQLDKLGDG
DYVDFEVTYNLATQIITKAEAEAVLTKLQQYNDKVLINSATDTVKGMVSDTQVDSKNVAANPLKVSDMYTIPSAITGSDD
SGYSIAKPTEKTTSLLYGTVGDATAGKAITVDTASNEAFAGNGKVIDYNKSFKATVQGDGTVKTSGVVLKDASDMAATGT
IKVRVTSAKEESIDVDSSSYISAENLAKKYVFNPKEVSEAYNAIVALQNDGIESDLVQLVNGKYQVIFYPEGKRLETKS
;
A,B
2 'polypeptide(L)' MADIIADADSPAKITIKANKLKDLKDYVDDLKTYNNTYSNVVLEHHHHHH C
#
# COMPACT_ATOMS: atom_id res chain seq x y z
N TYR A 9 7.78 8.27 1.93
CA TYR A 9 8.05 6.84 2.01
C TYR A 9 8.37 6.29 0.62
N THR A 10 9.59 5.75 0.47
CA THR A 10 10.04 5.23 -0.82
C THR A 10 10.77 3.91 -0.59
N VAL A 11 10.56 2.96 -1.50
CA VAL A 11 11.10 1.62 -1.37
C VAL A 11 11.59 1.15 -2.73
N VAL A 12 12.60 0.27 -2.72
CA VAL A 12 13.19 -0.24 -3.95
C VAL A 12 12.43 -1.47 -4.40
N LYS A 13 12.77 -1.96 -5.60
CA LYS A 13 11.94 -2.96 -6.29
C LYS A 13 11.83 -4.27 -5.49
N ASN A 14 12.93 -4.72 -4.87
CA ASN A 14 12.93 -6.02 -4.21
C ASN A 14 11.91 -6.13 -3.08
N ASP A 15 11.53 -5.01 -2.47
CA ASP A 15 10.65 -5.03 -1.31
C ASP A 15 9.24 -4.54 -1.64
N TRP A 16 8.79 -4.70 -2.90
CA TRP A 16 7.47 -4.18 -3.26
C TRP A 16 6.35 -5.02 -2.65
N LYS A 17 6.56 -6.33 -2.50
CA LYS A 17 5.47 -7.20 -2.04
C LYS A 17 5.03 -6.83 -0.63
N LYS A 18 5.98 -6.46 0.21
CA LYS A 18 5.69 -6.16 1.59
C LYS A 18 5.12 -4.75 1.74
N ALA A 19 5.42 -3.87 0.77
CA ALA A 19 4.78 -2.57 0.71
C ALA A 19 3.32 -2.70 0.27
N VAL A 20 3.07 -3.49 -0.78
CA VAL A 20 1.70 -3.70 -1.24
C VAL A 20 0.89 -4.46 -0.19
N LYS A 21 1.52 -5.40 0.51
CA LYS A 21 0.85 -6.12 1.59
C LYS A 21 0.41 -5.16 2.70
N GLN A 22 1.24 -4.17 3.01
CA GLN A 22 0.86 -3.19 4.03
C GLN A 22 -0.35 -2.38 3.58
N LEU A 23 -0.40 -2.02 2.30
CA LEU A 23 -1.53 -1.26 1.78
C LEU A 23 -2.80 -2.12 1.73
N GLN A 24 -2.65 -3.40 1.40
CA GLN A 24 -3.80 -4.30 1.38
C GLN A 24 -4.38 -4.48 2.77
N ASP A 25 -3.51 -4.61 3.78
CA ASP A 25 -3.98 -4.77 5.16
C ASP A 25 -4.70 -3.53 5.65
N GLY A 26 -4.27 -2.34 5.22
CA GLY A 26 -4.95 -1.12 5.60
C GLY A 26 -6.31 -0.98 4.95
N LEU A 27 -6.47 -1.49 3.72
CA LEU A 27 -7.79 -1.52 3.11
C LEU A 27 -8.71 -2.47 3.85
N LYS A 28 -8.17 -3.60 4.33
CA LYS A 28 -9.01 -4.59 5.01
C LYS A 28 -9.47 -4.12 6.39
N ASN A 29 -8.62 -3.38 7.11
CA ASN A 29 -8.92 -2.98 8.48
C ASN A 29 -9.48 -1.56 8.58
N LYS A 30 -9.92 -0.99 7.46
CA LYS A 30 -10.60 0.30 7.38
C LYS A 30 -9.72 1.50 7.71
N THR A 31 -8.39 1.33 7.78
CA THR A 31 -7.55 2.50 7.98
C THR A 31 -7.26 3.25 6.68
N ILE A 32 -7.43 2.61 5.52
CA ILE A 32 -7.17 3.22 4.24
C ILE A 32 -8.49 3.34 3.49
N SER A 33 -8.88 4.58 3.16
CA SER A 33 -10.14 4.81 2.45
C SER A 33 -9.98 4.79 0.93
N THR A 34 -8.84 5.22 0.41
CA THR A 34 -8.66 5.27 -1.03
C THR A 34 -7.17 5.26 -1.37
N ILE A 35 -6.84 4.62 -2.49
CA ILE A 35 -5.48 4.60 -3.02
C ILE A 35 -5.53 4.98 -4.50
N LYS A 36 -4.74 5.98 -4.88
CA LYS A 36 -4.56 6.35 -6.27
C LYS A 36 -3.25 5.78 -6.78
N VAL A 37 -3.31 5.01 -7.87
CA VAL A 37 -2.17 4.30 -8.40
C VAL A 37 -1.73 4.97 -9.70
N SER A 38 -0.43 5.18 -9.86
CA SER A 38 0.10 5.84 -11.04
C SER A 38 1.42 5.19 -11.43
N PHE A 39 1.60 5.01 -12.75
CA PHE A 39 2.83 4.47 -13.32
C PHE A 39 3.60 5.60 -13.99
N ASN A 40 4.84 5.81 -13.58
CA ASN A 40 5.68 6.90 -14.09
C ASN A 40 4.96 8.23 -14.03
N GLY A 41 4.14 8.42 -12.99
CA GLY A 41 3.41 9.64 -12.79
C GLY A 41 2.08 9.73 -13.51
N ASN A 42 1.74 8.76 -14.36
CA ASN A 42 0.49 8.76 -15.10
C ASN A 42 -0.54 7.94 -14.34
N SER A 43 -1.66 8.57 -14.00
CA SER A 43 -2.73 7.88 -13.28
C SER A 43 -3.15 6.62 -14.01
N VAL A 44 -3.32 5.53 -13.27
CA VAL A 44 -3.64 4.25 -13.86
C VAL A 44 -4.80 3.55 -13.17
N GLY A 45 -5.39 4.18 -12.16
CA GLY A 45 -6.55 3.64 -11.48
C GLY A 45 -6.65 4.15 -10.06
N GLU A 46 -7.83 3.96 -9.48
CA GLU A 46 -8.07 4.28 -8.07
C GLU A 46 -8.71 3.06 -7.41
N VAL A 47 -8.30 2.79 -6.17
CA VAL A 47 -8.80 1.67 -5.40
C VAL A 47 -9.55 2.23 -4.20
N THR A 48 -10.85 1.94 -4.12
CA THR A 48 -11.72 2.49 -3.09
C THR A 48 -12.77 1.44 -2.69
N PRO A 49 -12.75 0.97 -1.44
CA PRO A 49 -13.81 0.07 -0.99
C PRO A 49 -15.16 0.75 -1.06
N ALA A 50 -16.12 0.07 -1.68
CA ALA A 50 -17.45 0.64 -1.84
C ALA A 50 -18.12 0.83 -0.48
N SER A 51 -18.99 1.84 -0.41
CA SER A 51 -19.78 2.13 0.79
C SER A 51 -18.88 2.35 2.02
N SER A 52 -17.77 3.06 1.80
CA SER A 52 -16.82 3.40 2.87
C SER A 52 -16.31 2.16 3.60
N GLY A 53 -16.19 1.05 2.88
CA GLY A 53 -15.68 -0.17 3.48
C GLY A 53 -16.59 -0.78 4.52
N ALA A 54 -17.91 -0.68 4.33
CA ALA A 54 -18.84 -1.21 5.32
C ALA A 54 -18.79 -2.73 5.39
N LYS A 55 -18.73 -3.39 4.23
CA LYS A 55 -18.76 -4.83 4.15
C LYS A 55 -17.35 -5.40 4.00
N LYS A 56 -17.13 -6.56 4.62
CA LYS A 56 -15.82 -7.21 4.51
C LYS A 56 -15.52 -7.61 3.07
N ALA A 57 -16.53 -8.05 2.33
CA ALA A 57 -16.32 -8.47 0.95
C ALA A 57 -15.87 -7.31 0.07
N ASP A 58 -16.36 -6.09 0.36
CA ASP A 58 -15.94 -4.94 -0.43
C ASP A 58 -14.52 -4.52 -0.10
N ARG A 59 -14.11 -4.68 1.16
CA ARG A 59 -12.74 -4.32 1.54
C ARG A 59 -11.74 -5.33 1.00
N ASP A 60 -12.11 -6.62 0.99
CA ASP A 60 -11.25 -7.63 0.40
C ASP A 60 -11.16 -7.46 -1.11
N ALA A 61 -12.26 -7.10 -1.75
CA ALA A 61 -12.25 -6.87 -3.19
C ALA A 61 -11.33 -5.71 -3.55
N ALA A 62 -11.31 -4.68 -2.71
CA ALA A 62 -10.41 -3.55 -2.95
C ALA A 62 -8.95 -3.99 -2.86
N ALA A 63 -8.62 -4.80 -1.84
CA ALA A 63 -7.25 -5.27 -1.69
C ALA A 63 -6.82 -6.14 -2.86
N GLU A 64 -7.74 -6.93 -3.40
CA GLU A 64 -7.43 -7.74 -4.57
C GLU A 64 -7.31 -6.87 -5.82
N LYS A 65 -8.19 -5.88 -5.97
CA LYS A 65 -8.11 -4.98 -7.11
C LYS A 65 -6.78 -4.25 -7.16
N LEU A 66 -6.23 -3.87 -6.00
CA LEU A 66 -4.95 -3.18 -5.97
C LEU A 66 -3.81 -4.10 -6.40
N TYR A 67 -3.83 -5.36 -5.93
CA TYR A 67 -2.78 -6.29 -6.29
C TYR A 67 -2.80 -6.62 -7.78
N ASN A 68 -3.99 -6.92 -8.32
CA ASN A 68 -4.12 -7.18 -9.75
C ASN A 68 -3.60 -6.01 -10.57
N LEU A 69 -3.81 -4.79 -10.08
CA LEU A 69 -3.43 -3.59 -10.83
C LEU A 69 -1.92 -3.47 -10.98
N VAL A 70 -1.17 -3.86 -9.94
CA VAL A 70 0.23 -3.45 -9.83
C VAL A 70 1.21 -4.61 -9.91
N ASN A 71 0.78 -5.86 -9.69
CA ASN A 71 1.76 -6.92 -9.42
C ASN A 71 2.64 -7.21 -10.63
N THR A 72 2.09 -7.16 -11.84
CA THR A 72 2.90 -7.40 -13.03
C THR A 72 3.82 -6.22 -13.31
N GLN A 73 3.30 -4.99 -13.17
CA GLN A 73 4.12 -3.80 -13.39
C GLN A 73 5.29 -3.74 -12.41
N LEU A 74 5.05 -4.09 -11.15
CA LEU A 74 6.11 -4.07 -10.16
C LEU A 74 7.08 -5.23 -10.36
N ASP A 75 6.59 -6.36 -10.86
CA ASP A 75 7.44 -7.54 -11.02
C ASP A 75 8.45 -7.37 -12.15
N LYS A 76 8.11 -6.59 -13.18
CA LYS A 76 8.99 -6.35 -14.31
C LYS A 76 9.54 -4.93 -14.33
N LEU A 77 9.47 -4.24 -13.18
CA LEU A 77 9.93 -2.85 -13.10
C LEU A 77 11.41 -2.77 -13.39
N GLY A 78 11.76 -1.79 -14.22
CA GLY A 78 13.15 -1.47 -14.50
C GLY A 78 13.26 -0.08 -15.10
N ASP A 79 14.44 0.20 -15.63
CA ASP A 79 14.64 1.32 -16.56
C ASP A 79 14.48 2.66 -15.89
N GLY A 80 14.38 2.66 -14.59
CA GLY A 80 14.07 3.84 -13.84
C GLY A 80 12.59 4.08 -13.65
N ASP A 81 11.74 3.20 -14.18
CA ASP A 81 10.30 3.31 -14.01
C ASP A 81 9.96 3.19 -12.53
N TYR A 82 8.84 3.80 -12.15
CA TYR A 82 8.41 3.79 -10.77
C TYR A 82 6.89 3.70 -10.70
N VAL A 83 6.41 3.33 -9.52
CA VAL A 83 4.99 3.20 -9.22
C VAL A 83 4.69 3.98 -7.95
N ASP A 84 3.67 4.83 -7.99
CA ASP A 84 3.26 5.64 -6.86
C ASP A 84 1.91 5.16 -6.32
N PHE A 85 1.78 5.14 -5.00
CA PHE A 85 0.51 4.89 -4.32
C PHE A 85 0.20 6.11 -3.47
N GLU A 86 -0.84 6.86 -3.83
CA GLU A 86 -1.26 8.03 -3.07
C GLU A 86 -2.38 7.59 -2.14
N VAL A 87 -2.06 7.47 -0.85
CA VAL A 87 -2.88 6.74 0.11
C VAL A 87 -3.48 7.71 1.12
N THR A 88 -4.81 7.81 1.13
CA THR A 88 -5.52 8.53 2.18
C THR A 88 -5.87 7.54 3.29
N TYR A 89 -5.50 7.89 4.52
CA TYR A 89 -5.66 6.97 5.64
C TYR A 89 -6.25 7.68 6.85
N ASN A 90 -6.75 6.86 7.77
CA ASN A 90 -7.29 7.33 9.05
C ASN A 90 -7.09 6.20 10.05
N LEU A 91 -6.12 6.38 10.95
CA LEU A 91 -5.75 5.32 11.88
C LEU A 91 -6.84 5.03 12.90
N ALA A 92 -7.75 5.98 13.14
CA ALA A 92 -8.75 5.82 14.19
C ALA A 92 -9.93 4.95 13.78
N THR A 93 -10.20 4.80 12.49
CA THR A 93 -11.27 3.93 12.04
C THR A 93 -10.85 2.45 11.97
N GLN A 94 -9.66 2.13 12.45
CA GLN A 94 -9.18 0.75 12.47
C GLN A 94 -10.18 -0.17 13.15
N ILE A 95 -10.42 -1.32 12.51
CA ILE A 95 -11.18 -2.41 13.11
C ILE A 95 -10.25 -3.60 13.25
N ILE A 96 -10.62 -4.52 14.13
CA ILE A 96 -9.82 -5.70 14.39
C ILE A 96 -10.65 -6.95 14.12
N THR A 97 -9.96 -8.02 13.79
CA THR A 97 -10.61 -9.28 13.46
C THR A 97 -11.01 -10.03 14.72
N LYS A 98 -11.81 -11.09 14.52
CA LYS A 98 -12.21 -11.96 15.61
C LYS A 98 -11.01 -12.57 16.31
N ALA A 99 -10.00 -13.01 15.56
CA ALA A 99 -8.82 -13.60 16.16
C ALA A 99 -8.03 -12.57 16.95
N GLU A 100 -7.89 -11.35 16.41
CA GLU A 100 -7.17 -10.30 17.12
C GLU A 100 -7.89 -9.91 18.41
N ALA A 101 -9.23 -9.83 18.35
CA ALA A 101 -9.98 -9.53 19.56
C ALA A 101 -9.87 -10.66 20.57
N GLU A 102 -9.86 -11.91 20.10
CA GLU A 102 -9.74 -13.05 21.00
C GLU A 102 -8.41 -13.04 21.73
N ALA A 103 -7.34 -12.62 21.04
CA ALA A 103 -6.03 -12.57 21.67
C ALA A 103 -5.96 -11.51 22.77
N VAL A 104 -6.66 -10.38 22.56
CA VAL A 104 -6.65 -9.33 23.58
C VAL A 104 -7.48 -9.76 24.79
N LEU A 105 -8.58 -10.49 24.56
CA LEU A 105 -9.38 -11.00 25.67
C LEU A 105 -8.61 -12.05 26.47
N THR A 106 -7.85 -12.91 25.78
CA THR A 106 -7.04 -13.92 26.47
C THR A 106 -6.07 -13.27 27.44
N LYS A 107 -5.34 -12.26 26.99
CA LYS A 107 -4.47 -11.51 27.89
C LYS A 107 -5.27 -10.83 28.99
N LEU A 108 -6.42 -10.24 28.63
CA LEU A 108 -7.21 -9.52 29.61
C LEU A 108 -7.73 -10.43 30.71
N GLN A 109 -8.01 -11.70 30.38
CA GLN A 109 -8.49 -12.64 31.39
C GLN A 109 -7.42 -13.01 32.40
N GLN A 110 -6.14 -12.84 32.07
CA GLN A 110 -5.07 -13.11 33.02
C GLN A 110 -5.02 -12.09 34.15
N TYR A 111 -5.71 -10.97 34.02
CA TYR A 111 -5.78 -9.97 35.08
C TYR A 111 -6.95 -10.19 36.03
N ASN A 112 -7.71 -11.27 35.84
CA ASN A 112 -8.95 -11.46 36.60
C ASN A 112 -8.67 -11.68 38.08
N ASP A 113 -7.59 -12.37 38.41
CA ASP A 113 -7.29 -12.72 39.79
C ASP A 113 -6.19 -11.86 40.41
N LYS A 114 -5.65 -10.91 39.67
CA LYS A 114 -4.60 -10.05 40.21
C LYS A 114 -5.15 -9.17 41.32
N VAL A 115 -4.28 -8.83 42.27
CA VAL A 115 -4.67 -8.08 43.45
C VAL A 115 -4.54 -6.59 43.15
N LEU A 116 -5.57 -5.82 43.51
CA LEU A 116 -5.53 -4.37 43.42
C LEU A 116 -4.94 -3.75 44.68
N ILE A 117 -5.44 -4.16 45.84
CA ILE A 117 -5.03 -3.61 47.13
C ILE A 117 -4.81 -4.77 48.10
N ASN A 118 -3.69 -4.75 48.81
CA ASN A 118 -3.41 -5.77 49.80
C ASN A 118 -4.19 -5.51 51.09
N SER A 119 -4.27 -6.55 51.92
CA SER A 119 -4.78 -6.39 53.27
C SER A 119 -3.94 -5.36 54.02
N ALA A 120 -4.60 -4.56 54.85
CA ALA A 120 -3.89 -3.55 55.62
C ALA A 120 -3.14 -4.19 56.78
N THR A 121 -2.14 -3.45 57.28
CA THR A 121 -1.43 -3.86 58.47
C THR A 121 -1.38 -2.71 59.48
N ASP A 122 -0.55 -2.85 60.50
CA ASP A 122 -0.43 -1.78 61.51
C ASP A 122 0.18 -0.51 60.93
N THR A 123 1.06 -0.64 59.93
CA THR A 123 1.82 0.50 59.44
C THR A 123 1.72 0.72 57.94
N VAL A 124 0.96 -0.10 57.22
CA VAL A 124 0.77 0.06 55.78
C VAL A 124 -0.72 0.00 55.49
N LYS A 125 -1.24 1.01 54.81
CA LYS A 125 -2.65 1.07 54.48
C LYS A 125 -3.05 -0.10 53.59
N GLY A 126 -4.34 -0.33 53.49
CA GLY A 126 -4.85 -1.39 52.64
C GLY A 126 -6.30 -1.72 52.96
N MET A 127 -6.67 -2.95 52.63
CA MET A 127 -8.04 -3.40 52.80
C MET A 127 -8.39 -3.52 54.28
N VAL A 128 -9.54 -2.95 54.66
CA VAL A 128 -10.02 -2.95 56.03
C VAL A 128 -11.51 -3.22 56.02
N SER A 129 -11.97 -4.06 56.94
CA SER A 129 -13.39 -4.36 57.03
C SER A 129 -14.18 -3.10 57.39
N ASP A 130 -15.47 -3.10 57.01
CA ASP A 130 -16.34 -2.00 57.40
C ASP A 130 -16.82 -2.15 58.83
N THR A 131 -16.93 -3.38 59.33
CA THR A 131 -17.26 -3.63 60.72
C THR A 131 -15.98 -3.61 61.55
N GLN A 132 -16.00 -2.88 62.65
CA GLN A 132 -14.84 -2.75 63.51
C GLN A 132 -14.91 -3.71 64.69
N VAL A 133 -13.77 -3.90 65.33
CA VAL A 133 -13.65 -4.66 66.57
C VAL A 133 -13.00 -3.74 67.58
N ASP A 134 -13.58 -3.65 68.78
CA ASP A 134 -13.13 -2.70 69.81
C ASP A 134 -13.23 -1.26 69.34
N SER A 135 -14.10 -0.98 68.35
CA SER A 135 -14.10 0.27 67.61
C SER A 135 -12.70 0.56 67.05
N LYS A 136 -12.20 -0.40 66.27
CA LYS A 136 -10.85 -0.37 65.73
C LYS A 136 -10.85 -1.12 64.41
N ASN A 137 -10.01 -0.65 63.48
CA ASN A 137 -9.99 -1.21 62.13
C ASN A 137 -9.28 -2.57 62.10
N VAL A 138 -9.96 -3.57 61.53
CA VAL A 138 -9.38 -4.89 61.30
C VAL A 138 -9.23 -5.07 59.80
N ALA A 139 -8.21 -5.83 59.41
CA ALA A 139 -7.94 -6.06 58.00
C ALA A 139 -8.96 -7.00 57.38
N ALA A 140 -9.14 -6.87 56.07
CA ALA A 140 -9.98 -7.76 55.28
C ALA A 140 -9.12 -8.44 54.22
N ASN A 141 -9.73 -9.34 53.47
CA ASN A 141 -9.03 -10.02 52.39
C ASN A 141 -8.62 -9.01 51.32
N PRO A 142 -7.61 -9.34 50.52
CA PRO A 142 -7.18 -8.42 49.46
C PRO A 142 -8.30 -8.17 48.45
N LEU A 143 -8.29 -6.97 47.88
CA LEU A 143 -9.24 -6.59 46.84
C LEU A 143 -8.68 -7.01 45.49
N LYS A 144 -9.33 -7.97 44.85
CA LYS A 144 -8.89 -8.45 43.54
C LYS A 144 -9.64 -7.70 42.43
N VAL A 145 -9.06 -7.77 41.23
CA VAL A 145 -9.70 -7.16 40.06
C VAL A 145 -11.12 -7.66 39.91
N SER A 146 -11.32 -8.98 40.05
CA SER A 146 -12.64 -9.56 39.89
C SER A 146 -13.62 -9.08 40.96
N ASP A 147 -13.14 -8.55 42.08
CA ASP A 147 -14.04 -7.99 43.07
C ASP A 147 -14.66 -6.69 42.59
N MET A 148 -13.94 -5.95 41.74
CA MET A 148 -14.40 -4.66 41.24
C MET A 148 -14.92 -4.71 39.80
N TYR A 149 -14.51 -5.70 39.02
CA TYR A 149 -14.83 -5.75 37.59
C TYR A 149 -15.15 -7.17 37.17
N THR A 150 -16.09 -7.31 36.24
CA THR A 150 -16.41 -8.59 35.62
C THR A 150 -15.99 -8.49 34.16
N ILE A 151 -14.81 -9.01 33.85
CA ILE A 151 -14.31 -8.99 32.47
C ILE A 151 -15.25 -9.80 31.59
N PRO A 152 -15.60 -9.31 30.39
CA PRO A 152 -16.53 -10.07 29.54
C PRO A 152 -15.95 -11.42 29.15
N SER A 153 -16.84 -12.40 29.01
CA SER A 153 -16.46 -13.75 28.65
C SER A 153 -16.38 -13.98 27.15
N ALA A 154 -16.94 -13.07 26.34
CA ALA A 154 -16.97 -13.25 24.90
C ALA A 154 -16.75 -11.92 24.20
N ILE A 155 -16.31 -12.00 22.96
CA ILE A 155 -16.17 -10.83 22.10
C ILE A 155 -17.48 -10.64 21.33
N THR A 156 -17.72 -9.40 20.92
CA THR A 156 -18.89 -9.05 20.14
C THR A 156 -18.46 -8.41 18.82
N GLY A 157 -19.40 -8.27 17.91
CA GLY A 157 -19.16 -7.64 16.63
C GLY A 157 -19.43 -8.60 15.48
N SER A 158 -19.06 -8.14 14.28
CA SER A 158 -19.29 -8.90 13.06
C SER A 158 -18.07 -8.80 12.16
N ASP A 159 -18.06 -9.63 11.11
CA ASP A 159 -17.00 -9.53 10.11
C ASP A 159 -17.05 -8.18 9.38
N ASP A 160 -18.26 -7.69 9.11
CA ASP A 160 -18.41 -6.45 8.36
C ASP A 160 -17.91 -5.26 9.17
N SER A 161 -18.30 -5.17 10.44
CA SER A 161 -18.02 -4.00 11.25
C SER A 161 -16.84 -4.18 12.21
N GLY A 162 -16.26 -5.36 12.28
CA GLY A 162 -15.17 -5.62 13.19
C GLY A 162 -15.65 -6.14 14.54
N TYR A 163 -14.68 -6.53 15.36
CA TYR A 163 -14.97 -7.13 16.65
C TYR A 163 -14.41 -6.25 17.77
N SER A 164 -14.88 -6.51 18.98
CA SER A 164 -14.51 -5.66 20.10
C SER A 164 -14.72 -6.43 21.40
N ILE A 165 -14.09 -5.92 22.45
CA ILE A 165 -14.30 -6.40 23.81
C ILE A 165 -15.10 -5.33 24.55
N ALA A 166 -16.23 -5.74 25.11
CA ALA A 166 -17.05 -4.79 25.86
C ALA A 166 -16.30 -4.30 27.10
N LYS A 167 -16.68 -3.12 27.55
CA LYS A 167 -16.18 -2.59 28.81
C LYS A 167 -16.43 -3.57 29.93
N PRO A 168 -15.44 -3.86 30.78
CA PRO A 168 -15.69 -4.75 31.92
C PRO A 168 -16.75 -4.16 32.84
N THR A 169 -17.67 -5.02 33.29
CA THR A 169 -18.78 -4.58 34.10
C THR A 169 -18.30 -4.17 35.49
N GLU A 170 -18.78 -3.03 35.97
CA GLU A 170 -18.31 -2.45 37.22
C GLU A 170 -19.14 -2.96 38.40
N LYS A 171 -18.48 -3.08 39.54
CA LYS A 171 -19.10 -3.58 40.77
C LYS A 171 -18.81 -2.62 41.91
N THR A 172 -19.38 -2.92 43.07
CA THR A 172 -19.17 -2.15 44.29
C THR A 172 -18.60 -3.06 45.37
N THR A 173 -17.90 -2.45 46.32
CA THR A 173 -17.41 -3.14 47.50
C THR A 173 -17.78 -2.34 48.73
N SER A 174 -18.18 -3.05 49.79
CA SER A 174 -18.40 -2.44 51.08
C SER A 174 -17.15 -2.45 51.95
N LEU A 175 -16.13 -3.21 51.57
CA LEU A 175 -14.84 -3.15 52.25
C LEU A 175 -14.22 -1.77 52.07
N LEU A 176 -13.39 -1.38 53.03
CA LEU A 176 -12.86 -0.02 53.08
C LEU A 176 -11.34 -0.04 53.06
N TYR A 177 -10.76 1.16 53.07
CA TYR A 177 -9.33 1.37 52.90
C TYR A 177 -8.81 2.17 54.10
N GLY A 178 -8.02 1.52 54.94
CA GLY A 178 -7.45 2.16 56.11
C GLY A 178 -6.27 1.37 56.64
N THR A 179 -6.01 1.55 57.93
CA THR A 179 -4.93 0.85 58.62
C THR A 179 -5.46 0.11 59.83
N VAL A 180 -4.88 -1.06 60.09
CA VAL A 180 -5.14 -1.74 61.35
C VAL A 180 -4.66 -0.88 62.51
N GLY A 181 -5.45 -0.84 63.57
CA GLY A 181 -5.17 0.00 64.72
C GLY A 181 -5.92 1.31 64.73
N ASP A 182 -6.50 1.71 63.61
CA ASP A 182 -7.08 3.04 63.48
C ASP A 182 -8.50 3.06 64.02
N ALA A 183 -8.76 3.97 64.96
CA ALA A 183 -10.13 4.20 65.41
C ALA A 183 -10.97 4.81 64.30
N THR A 184 -10.36 5.63 63.46
CA THR A 184 -11.05 6.17 62.29
C THR A 184 -11.37 5.05 61.31
N ALA A 185 -12.57 5.09 60.74
CA ALA A 185 -13.01 4.06 59.81
C ALA A 185 -12.26 4.18 58.48
N GLY A 186 -12.19 3.06 57.77
CA GLY A 186 -11.56 3.07 56.46
C GLY A 186 -12.35 3.89 55.46
N LYS A 187 -11.66 4.31 54.41
CA LYS A 187 -12.26 5.14 53.37
C LYS A 187 -12.83 4.28 52.25
N ALA A 188 -13.75 4.88 51.49
CA ALA A 188 -14.48 4.15 50.47
C ALA A 188 -13.57 3.79 49.30
N ILE A 189 -13.93 2.70 48.63
CA ILE A 189 -13.26 2.25 47.41
C ILE A 189 -14.30 2.15 46.31
N THR A 190 -14.02 2.79 45.19
CA THR A 190 -15.02 3.07 44.17
C THR A 190 -14.37 2.99 42.80
N VAL A 191 -15.11 2.47 41.82
CA VAL A 191 -14.60 2.44 40.45
C VAL A 191 -14.54 3.86 39.90
N ASP A 192 -13.55 4.12 39.07
CA ASP A 192 -13.46 5.37 38.33
C ASP A 192 -14.18 5.16 36.99
N THR A 193 -15.36 5.76 36.86
CA THR A 193 -16.17 5.57 35.67
C THR A 193 -15.51 6.16 34.42
N ALA A 194 -14.60 7.12 34.59
CA ALA A 194 -13.89 7.72 33.46
C ALA A 194 -12.66 6.94 33.04
N SER A 195 -12.36 5.82 33.70
CA SER A 195 -11.18 5.01 33.41
C SER A 195 -11.59 3.55 33.18
N ASN A 196 -12.57 3.35 32.32
CA ASN A 196 -13.03 2.01 31.97
C ASN A 196 -13.73 2.10 30.63
N GLU A 197 -13.13 1.51 29.60
CA GLU A 197 -13.62 1.67 28.24
C GLU A 197 -13.49 0.36 27.48
N ALA A 198 -14.31 0.23 26.44
CA ALA A 198 -14.26 -0.95 25.58
C ALA A 198 -13.06 -0.85 24.63
N PHE A 199 -12.65 -2.00 24.11
CA PHE A 199 -11.58 -2.07 23.14
C PHE A 199 -12.10 -2.57 21.81
N ALA A 200 -11.81 -1.83 20.73
CA ALA A 200 -12.20 -2.23 19.39
C ALA A 200 -11.12 -1.93 18.37
N GLY A 201 -9.87 -1.78 18.80
CA GLY A 201 -8.81 -1.33 17.92
C GLY A 201 -8.82 0.19 17.83
N ASN A 202 -9.39 0.72 16.76
CA ASN A 202 -9.55 2.17 16.57
C ASN A 202 -8.24 2.92 16.72
N GLY A 203 -7.13 2.26 16.39
CA GLY A 203 -5.82 2.86 16.57
C GLY A 203 -5.30 2.86 17.98
N LYS A 204 -5.97 2.18 18.90
CA LYS A 204 -5.57 2.12 20.30
C LYS A 204 -5.00 0.74 20.64
N VAL A 205 -4.28 0.69 21.76
CA VAL A 205 -3.97 -0.55 22.44
C VAL A 205 -4.34 -0.38 23.91
N ILE A 206 -4.45 -1.50 24.61
CA ILE A 206 -4.76 -1.45 26.03
C ILE A 206 -3.53 -1.01 26.80
N ASP A 207 -3.68 -0.02 27.66
CA ASP A 207 -2.60 0.50 28.49
C ASP A 207 -2.60 -0.31 29.79
N TYR A 208 -1.71 -1.30 29.87
CA TYR A 208 -1.73 -2.24 30.99
C TYR A 208 -1.14 -1.64 32.27
N ASN A 209 -0.32 -0.59 32.16
CA ASN A 209 0.16 0.07 33.36
C ASN A 209 -0.96 0.83 34.07
N LYS A 210 -1.85 1.46 33.30
CA LYS A 210 -2.94 2.24 33.86
C LYS A 210 -4.23 1.44 34.04
N SER A 211 -4.33 0.26 33.43
CA SER A 211 -5.54 -0.54 33.54
C SER A 211 -5.52 -1.37 34.82
N PHE A 212 -6.72 -1.61 35.36
CA PHE A 212 -6.89 -2.46 36.54
C PHE A 212 -5.97 -2.02 37.67
N LYS A 213 -6.11 -0.75 38.06
CA LYS A 213 -5.17 -0.12 38.97
C LYS A 213 -5.93 0.71 40.00
N ALA A 214 -5.49 0.60 41.26
CA ALA A 214 -6.03 1.43 42.33
C ALA A 214 -5.16 2.68 42.50
N THR A 215 -5.81 3.81 42.73
CA THR A 215 -5.13 5.09 42.90
C THR A 215 -5.68 5.79 44.13
N VAL A 216 -4.82 5.97 45.14
CA VAL A 216 -5.24 6.68 46.34
C VAL A 216 -5.44 8.15 46.01
N GLN A 217 -6.59 8.69 46.40
CA GLN A 217 -6.96 10.05 46.04
C GLN A 217 -6.48 11.04 47.09
N GLY A 218 -6.60 12.33 46.76
CA GLY A 218 -6.14 13.37 47.66
C GLY A 218 -6.89 13.40 48.98
N ASP A 219 -8.15 12.95 48.97
CA ASP A 219 -8.97 12.98 50.18
C ASP A 219 -8.96 11.65 50.94
N GLY A 220 -8.07 10.72 50.57
CA GLY A 220 -7.92 9.47 51.28
C GLY A 220 -8.72 8.31 50.73
N THR A 221 -9.66 8.55 49.83
CA THR A 221 -10.41 7.47 49.22
C THR A 221 -9.63 6.86 48.06
N VAL A 222 -10.13 5.75 47.54
CA VAL A 222 -9.48 5.01 46.47
C VAL A 222 -10.41 4.91 45.27
N LYS A 223 -9.86 5.16 44.08
CA LYS A 223 -10.53 4.91 42.82
C LYS A 223 -9.82 3.78 42.09
N THR A 224 -10.58 3.00 41.34
CA THR A 224 -10.03 1.90 40.55
C THR A 224 -10.38 2.08 39.08
N SER A 225 -9.44 1.70 38.23
CA SER A 225 -9.63 1.74 36.78
C SER A 225 -9.94 0.36 36.25
N GLY A 226 -10.68 0.30 35.15
CA GLY A 226 -10.86 -0.92 34.41
C GLY A 226 -9.88 -0.97 33.26
N VAL A 227 -10.39 -1.14 32.04
CA VAL A 227 -9.53 -1.10 30.86
C VAL A 227 -9.30 0.36 30.47
N VAL A 228 -8.03 0.74 30.35
CA VAL A 228 -7.63 2.07 29.93
C VAL A 228 -6.83 1.95 28.65
N LEU A 229 -7.14 2.78 27.66
CA LEU A 229 -6.52 2.70 26.35
C LEU A 229 -5.42 3.74 26.20
N LYS A 230 -4.53 3.47 25.25
CA LYS A 230 -3.53 4.43 24.79
C LYS A 230 -3.35 4.26 23.28
N ASP A 231 -2.67 5.23 22.67
CA ASP A 231 -2.46 5.17 21.23
C ASP A 231 -1.46 4.06 20.90
N ALA A 232 -1.77 3.32 19.83
CA ALA A 232 -0.84 2.32 19.35
C ALA A 232 0.37 2.94 18.66
N SER A 233 0.30 4.21 18.30
CA SER A 233 1.35 4.79 17.48
C SER A 233 1.56 6.26 17.82
N ASP A 234 2.76 6.73 17.52
CA ASP A 234 3.14 8.14 17.48
C ASP A 234 2.82 8.86 16.20
N MET A 235 2.68 8.15 15.10
CA MET A 235 2.40 8.79 13.83
C MET A 235 1.04 9.49 13.88
N ALA A 236 0.83 10.43 12.96
CA ALA A 236 -0.41 11.20 12.91
C ALA A 236 -1.59 10.32 12.54
N ALA A 237 -2.76 10.69 13.06
CA ALA A 237 -3.94 9.85 12.90
C ALA A 237 -4.44 9.83 11.45
N THR A 238 -4.33 10.96 10.75
CA THR A 238 -4.87 11.09 9.41
C THR A 238 -3.84 11.71 8.48
N GLY A 239 -4.10 11.57 7.18
CA GLY A 239 -3.27 12.22 6.18
C GLY A 239 -3.41 11.56 4.83
N THR A 240 -2.66 12.12 3.89
CA THR A 240 -2.50 11.54 2.56
C THR A 240 -1.01 11.46 2.28
N ILE A 241 -0.51 10.24 2.09
CA ILE A 241 0.89 9.95 1.89
C ILE A 241 1.05 9.13 0.62
N LYS A 242 2.23 9.26 0.00
CA LYS A 242 2.55 8.71 -1.31
C LYS A 242 3.69 7.72 -1.12
N VAL A 243 3.41 6.42 -1.28
CA VAL A 243 4.43 5.37 -1.26
C VAL A 243 4.90 5.15 -2.69
N ARG A 244 6.22 5.16 -2.89
CA ARG A 244 6.80 4.97 -4.21
C ARG A 244 7.68 3.74 -4.24
N VAL A 245 7.50 2.90 -5.27
CA VAL A 245 8.42 1.81 -5.56
C VAL A 245 9.27 2.23 -6.74
N THR A 246 10.59 2.20 -6.56
CA THR A 246 11.53 2.67 -7.57
C THR A 246 12.27 1.50 -8.21
N SER A 247 12.80 1.75 -9.40
CA SER A 247 13.78 0.90 -10.04
C SER A 247 15.01 1.74 -10.37
N ALA A 248 16.17 1.08 -10.40
CA ALA A 248 17.44 1.77 -10.59
C ALA A 248 17.73 1.92 -12.07
N LYS A 249 17.88 3.17 -12.52
CA LYS A 249 18.21 3.43 -13.92
C LYS A 249 19.62 2.94 -14.26
N GLU A 250 20.52 2.94 -13.28
CA GLU A 250 21.90 2.51 -13.52
C GLU A 250 22.06 1.00 -13.44
N GLU A 251 20.99 0.25 -13.19
CA GLU A 251 21.09 -1.21 -13.18
C GLU A 251 21.60 -1.75 -14.50
N SER A 252 21.04 -1.26 -15.61
CA SER A 252 21.43 -1.66 -16.95
C SER A 252 21.70 -0.40 -17.77
N ILE A 253 22.97 -0.01 -17.86
CA ILE A 253 23.36 1.17 -18.62
C ILE A 253 23.68 0.71 -20.04
N ASP A 254 22.75 0.97 -20.97
CA ASP A 254 22.89 0.56 -22.36
C ASP A 254 23.43 1.74 -23.14
N VAL A 255 24.71 1.67 -23.52
CA VAL A 255 25.40 2.79 -24.15
C VAL A 255 24.87 3.04 -25.56
N ASP A 256 24.18 2.09 -26.17
CA ASP A 256 23.65 2.23 -27.51
C ASP A 256 22.22 2.72 -27.56
N SER A 257 21.52 2.77 -26.43
CA SER A 257 20.12 3.16 -26.41
C SER A 257 20.00 4.68 -26.44
N SER A 258 18.76 5.16 -26.49
CA SER A 258 18.48 6.59 -26.49
C SER A 258 18.45 7.19 -25.09
N SER A 259 18.43 6.36 -24.05
CA SER A 259 18.34 6.82 -22.68
C SER A 259 19.28 5.99 -21.81
N TYR A 260 20.38 6.59 -21.38
CA TYR A 260 21.29 5.94 -20.44
C TYR A 260 21.99 7.03 -19.64
N ILE A 261 22.31 6.70 -18.39
CA ILE A 261 22.98 7.66 -17.51
C ILE A 261 24.45 7.77 -17.93
N SER A 262 24.92 9.01 -18.06
CA SER A 262 26.27 9.24 -18.56
C SER A 262 27.31 8.87 -17.51
N ALA A 263 28.54 8.66 -17.99
CA ALA A 263 29.63 8.31 -17.09
C ALA A 263 29.83 9.37 -16.01
N GLU A 264 29.77 10.65 -16.39
CA GLU A 264 29.93 11.72 -15.40
C GLU A 264 28.79 11.70 -14.39
N ASN A 265 27.55 11.60 -14.87
CA ASN A 265 26.41 11.54 -13.95
C ASN A 265 26.47 10.29 -13.08
N LEU A 266 27.00 9.18 -13.62
CA LEU A 266 27.18 7.99 -12.79
C LEU A 266 28.24 8.23 -11.71
N ALA A 267 29.29 8.97 -12.04
CA ALA A 267 30.34 9.27 -11.06
C ALA A 267 29.89 10.31 -10.05
N LYS A 268 29.00 11.23 -10.44
CA LYS A 268 28.38 12.10 -9.45
C LYS A 268 27.56 11.32 -8.45
N LYS A 269 26.95 10.21 -8.90
CA LYS A 269 26.05 9.44 -8.07
C LYS A 269 26.81 8.51 -7.13
N TYR A 270 27.74 7.72 -7.67
CA TYR A 270 28.39 6.65 -6.94
C TYR A 270 29.90 6.82 -6.95
N VAL A 271 30.53 6.52 -5.81
CA VAL A 271 31.98 6.36 -5.77
C VAL A 271 32.32 4.93 -6.15
N PHE A 272 33.29 4.76 -7.02
CA PHE A 272 33.67 3.45 -7.53
C PHE A 272 35.05 3.06 -7.01
N ASN A 273 35.26 1.76 -6.88
CA ASN A 273 36.54 1.21 -6.47
C ASN A 273 37.56 1.41 -7.58
N PRO A 274 38.62 2.21 -7.36
CA PRO A 274 39.56 2.49 -8.46
C PRO A 274 40.20 1.24 -9.04
N LYS A 275 40.48 0.23 -8.20
CA LYS A 275 41.03 -1.02 -8.73
C LYS A 275 40.04 -1.73 -9.63
N GLU A 276 38.77 -1.82 -9.20
CA GLU A 276 37.75 -2.51 -9.97
C GLU A 276 37.57 -1.88 -11.35
N VAL A 277 37.61 -0.54 -11.43
CA VAL A 277 37.41 0.14 -12.69
C VAL A 277 38.67 0.08 -13.55
N SER A 278 39.84 0.23 -12.93
CA SER A 278 41.09 0.17 -13.67
C SER A 278 41.30 -1.20 -14.31
N GLU A 279 40.96 -2.27 -13.59
CA GLU A 279 41.12 -3.60 -14.15
C GLU A 279 40.10 -3.89 -15.23
N ALA A 280 38.89 -3.34 -15.11
CA ALA A 280 37.90 -3.49 -16.17
C ALA A 280 38.34 -2.75 -17.42
N TYR A 281 38.91 -1.56 -17.26
CA TYR A 281 39.41 -0.81 -18.41
C TYR A 281 40.50 -1.58 -19.14
N ASN A 282 41.44 -2.15 -18.39
CA ASN A 282 42.56 -2.85 -19.02
C ASN A 282 42.09 -4.09 -19.78
N ALA A 283 41.09 -4.79 -19.26
CA ALA A 283 40.59 -5.99 -19.93
C ALA A 283 39.87 -5.63 -21.22
N ILE A 284 39.13 -4.52 -21.23
CA ILE A 284 38.47 -4.06 -22.46
C ILE A 284 39.51 -3.72 -23.51
N VAL A 285 40.53 -2.95 -23.12
CA VAL A 285 41.57 -2.53 -24.05
C VAL A 285 42.29 -3.74 -24.63
N ALA A 286 42.68 -4.69 -23.75
CA ALA A 286 43.42 -5.85 -24.20
C ALA A 286 42.58 -6.76 -25.09
N LEU A 287 41.27 -6.81 -24.86
CA LEU A 287 40.40 -7.58 -25.74
C LEU A 287 40.20 -6.87 -27.07
N GLN A 288 40.01 -5.55 -27.02
CA GLN A 288 39.75 -4.77 -28.23
C GLN A 288 40.93 -4.83 -29.19
N ASN A 289 42.15 -4.64 -28.68
CA ASN A 289 43.34 -4.49 -29.52
C ASN A 289 44.15 -5.77 -29.64
N ASP A 290 44.23 -6.57 -28.58
CA ASP A 290 45.18 -7.67 -28.50
C ASP A 290 44.54 -9.06 -28.54
N GLY A 291 43.21 -9.15 -28.46
CA GLY A 291 42.53 -10.43 -28.55
C GLY A 291 42.53 -11.26 -27.28
N ILE A 292 42.87 -10.67 -26.14
CA ILE A 292 42.94 -11.41 -24.88
C ILE A 292 41.55 -11.49 -24.26
N GLU A 293 41.03 -12.70 -24.10
CA GLU A 293 39.74 -12.87 -23.43
C GLU A 293 39.87 -12.57 -21.94
N SER A 294 38.72 -12.29 -21.33
CA SER A 294 38.68 -11.97 -19.90
C SER A 294 37.27 -12.24 -19.39
N ASP A 295 37.18 -12.75 -18.16
CA ASP A 295 35.88 -12.96 -17.55
C ASP A 295 35.22 -11.64 -17.13
N LEU A 296 36.01 -10.57 -17.01
CA LEU A 296 35.44 -9.25 -16.79
C LEU A 296 34.71 -8.72 -18.01
N VAL A 297 34.94 -9.27 -19.21
CA VAL A 297 34.23 -8.77 -20.38
C VAL A 297 33.37 -9.86 -20.97
N GLN A 298 32.19 -10.04 -20.36
CA GLN A 298 31.07 -10.78 -20.92
C GLN A 298 30.81 -10.34 -22.37
N LEU A 299 30.49 -11.29 -23.26
CA LEU A 299 29.75 -11.00 -24.49
C LEU A 299 28.47 -11.81 -24.44
N VAL A 300 27.33 -11.13 -24.30
CA VAL A 300 26.06 -11.81 -24.14
C VAL A 300 24.98 -11.05 -24.91
N ASN A 301 24.18 -11.79 -25.68
CA ASN A 301 23.08 -11.25 -26.47
C ASN A 301 23.53 -10.09 -27.35
N GLY A 302 24.65 -10.30 -28.04
CA GLY A 302 25.15 -9.32 -28.98
C GLY A 302 25.73 -8.07 -28.37
N LYS A 303 26.00 -8.05 -27.07
CA LYS A 303 26.50 -6.86 -26.39
C LYS A 303 27.66 -7.23 -25.48
N TYR A 304 28.72 -6.44 -25.54
CA TYR A 304 29.81 -6.54 -24.58
C TYR A 304 29.44 -5.80 -23.31
N GLN A 305 29.69 -6.41 -22.16
CA GLN A 305 29.29 -5.78 -20.91
C GLN A 305 30.32 -6.04 -19.83
N VAL A 306 30.31 -5.16 -18.82
CA VAL A 306 31.14 -5.26 -17.63
C VAL A 306 30.25 -4.95 -16.42
N ILE A 307 30.68 -5.41 -15.26
CA ILE A 307 29.88 -5.33 -14.03
C ILE A 307 30.67 -4.55 -12.98
N PHE A 308 29.98 -3.63 -12.30
CA PHE A 308 30.60 -2.82 -11.25
C PHE A 308 29.74 -2.84 -10.00
N TYR A 309 30.41 -2.93 -8.85
CA TYR A 309 29.75 -2.77 -7.56
C TYR A 309 30.26 -1.49 -6.91
N PRO A 310 29.45 -0.44 -6.83
CA PRO A 310 29.92 0.82 -6.22
C PRO A 310 30.25 0.63 -4.74
N GLU A 311 31.24 1.39 -4.29
CA GLU A 311 31.58 1.39 -2.87
C GLU A 311 30.50 2.04 -2.05
N GLY A 312 29.73 2.95 -2.66
CA GLY A 312 28.66 3.64 -1.98
C GLY A 312 28.27 4.90 -2.72
N LYS A 313 27.24 5.54 -2.21
CA LYS A 313 26.83 6.83 -2.73
C LYS A 313 27.90 7.87 -2.43
N ARG A 314 27.99 8.89 -3.28
CA ARG A 314 28.81 10.04 -2.94
C ARG A 314 28.01 11.01 -2.06
N LEU A 315 28.57 11.37 -0.93
CA LEU A 315 27.92 12.35 -0.08
C LEU A 315 28.88 13.50 0.14
N TYR B 9 -9.68 -11.47 -32.95
CA TYR B 9 -8.69 -10.39 -33.01
C TYR B 9 -7.41 -10.80 -32.28
N THR B 10 -6.38 -11.16 -33.04
CA THR B 10 -5.08 -11.51 -32.48
C THR B 10 -4.00 -10.80 -33.28
N VAL B 11 -3.20 -9.99 -32.58
CA VAL B 11 -2.21 -9.11 -33.18
C VAL B 11 -0.85 -9.38 -32.54
N VAL B 12 0.20 -9.37 -33.36
CA VAL B 12 1.54 -9.62 -32.85
C VAL B 12 2.06 -8.38 -32.13
N LYS B 13 3.15 -8.57 -31.37
CA LYS B 13 3.71 -7.49 -30.56
C LYS B 13 4.03 -6.26 -31.40
N ASN B 14 4.64 -6.46 -32.56
CA ASN B 14 5.10 -5.34 -33.39
C ASN B 14 3.98 -4.37 -33.75
N ASP B 15 2.72 -4.79 -33.64
CA ASP B 15 1.58 -3.96 -33.99
C ASP B 15 0.66 -3.70 -32.79
N TRP B 16 1.24 -3.62 -31.59
CA TRP B 16 0.40 -3.41 -30.41
C TRP B 16 -0.06 -1.96 -30.31
N LYS B 17 0.77 -1.00 -30.73
CA LYS B 17 0.38 0.40 -30.64
C LYS B 17 -0.82 0.72 -31.53
N LYS B 18 -0.95 0.03 -32.67
CA LYS B 18 -2.09 0.27 -33.56
C LYS B 18 -3.38 -0.33 -32.99
N ALA B 19 -3.29 -1.52 -32.40
CA ALA B 19 -4.45 -2.13 -31.76
C ALA B 19 -4.90 -1.29 -30.57
N VAL B 20 -3.95 -0.79 -29.77
CA VAL B 20 -4.30 0.07 -28.66
C VAL B 20 -4.88 1.39 -29.16
N LYS B 21 -4.38 1.87 -30.31
CA LYS B 21 -4.96 3.08 -30.90
C LYS B 21 -6.42 2.87 -31.29
N GLN B 22 -6.73 1.72 -31.89
CA GLN B 22 -8.11 1.44 -32.27
C GLN B 22 -9.00 1.30 -31.04
N LEU B 23 -8.46 0.78 -29.94
CA LEU B 23 -9.24 0.72 -28.70
C LEU B 23 -9.41 2.12 -28.10
N GLN B 24 -8.38 2.95 -28.17
CA GLN B 24 -8.50 4.32 -27.68
C GLN B 24 -9.52 5.11 -28.49
N ASP B 25 -9.55 4.92 -29.81
CA ASP B 25 -10.52 5.61 -30.65
C ASP B 25 -11.93 5.17 -30.31
N GLY B 26 -12.14 3.87 -30.10
CA GLY B 26 -13.45 3.40 -29.69
C GLY B 26 -13.89 3.96 -28.35
N LEU B 27 -12.94 4.21 -27.45
CA LEU B 27 -13.27 4.87 -26.19
C LEU B 27 -13.64 6.33 -26.42
N LYS B 28 -12.97 6.99 -27.37
CA LYS B 28 -13.19 8.42 -27.58
C LYS B 28 -14.50 8.70 -28.32
N ASN B 29 -14.98 7.76 -29.14
CA ASN B 29 -16.17 7.99 -29.95
C ASN B 29 -17.41 7.28 -29.42
N LYS B 30 -17.34 6.74 -28.19
CA LYS B 30 -18.45 6.12 -27.46
C LYS B 30 -18.90 4.76 -28.01
N THR B 31 -18.10 4.12 -28.87
CA THR B 31 -18.43 2.73 -29.22
C THR B 31 -18.09 1.79 -28.08
N ILE B 32 -16.96 2.01 -27.41
CA ILE B 32 -16.48 1.12 -26.37
C ILE B 32 -16.88 1.70 -25.02
N SER B 33 -17.61 0.91 -24.23
CA SER B 33 -18.06 1.34 -22.91
C SER B 33 -17.12 0.90 -21.80
N THR B 34 -16.44 -0.23 -21.95
CA THR B 34 -15.52 -0.71 -20.92
C THR B 34 -14.59 -1.77 -21.52
N ILE B 35 -13.39 -1.87 -20.93
CA ILE B 35 -12.38 -2.83 -21.36
C ILE B 35 -11.79 -3.48 -20.11
N LYS B 36 -11.84 -4.80 -20.04
CA LYS B 36 -11.12 -5.58 -19.03
C LYS B 36 -9.74 -5.94 -19.58
N VAL B 37 -8.69 -5.51 -18.89
CA VAL B 37 -7.32 -5.81 -19.27
C VAL B 37 -6.83 -6.99 -18.43
N SER B 38 -6.20 -7.96 -19.09
CA SER B 38 -5.64 -9.11 -18.40
C SER B 38 -4.30 -9.47 -19.01
N PHE B 39 -3.42 -10.03 -18.19
CA PHE B 39 -2.07 -10.43 -18.59
C PHE B 39 -1.93 -11.93 -18.35
N ASN B 40 -1.77 -12.70 -19.43
CA ASN B 40 -1.75 -14.16 -19.37
C ASN B 40 -3.00 -14.68 -18.66
N GLY B 41 -4.13 -14.02 -18.89
CA GLY B 41 -5.37 -14.37 -18.24
C GLY B 41 -5.58 -13.79 -16.85
N ASN B 42 -4.53 -13.30 -16.20
CA ASN B 42 -4.66 -12.71 -14.88
C ASN B 42 -5.21 -11.29 -15.00
N SER B 43 -6.25 -11.00 -14.21
CA SER B 43 -6.85 -9.68 -14.22
C SER B 43 -5.82 -8.62 -13.84
N VAL B 44 -5.77 -7.54 -14.62
CA VAL B 44 -4.97 -6.38 -14.25
C VAL B 44 -5.91 -5.29 -13.75
N GLY B 45 -6.77 -4.80 -14.63
CA GLY B 45 -7.68 -3.75 -14.24
C GLY B 45 -8.73 -3.52 -15.30
N GLU B 46 -9.50 -2.46 -15.10
CA GLU B 46 -10.63 -2.10 -15.95
C GLU B 46 -10.56 -0.63 -16.32
N VAL B 47 -10.77 -0.33 -17.59
CA VAL B 47 -10.79 1.04 -18.08
C VAL B 47 -12.21 1.33 -18.55
N THR B 48 -12.90 2.19 -17.82
CA THR B 48 -14.28 2.55 -18.16
C THR B 48 -14.49 4.05 -18.02
N PRO B 49 -14.92 4.73 -19.08
CA PRO B 49 -15.06 6.19 -19.01
C PRO B 49 -16.03 6.63 -17.92
N ALA B 50 -15.65 7.69 -17.22
CA ALA B 50 -16.48 8.22 -16.14
C ALA B 50 -17.83 8.69 -16.66
N SER B 51 -18.84 8.57 -15.81
CA SER B 51 -20.20 9.02 -16.10
C SER B 51 -20.68 8.53 -17.47
N SER B 52 -20.41 7.24 -17.75
CA SER B 52 -20.88 6.58 -18.97
C SER B 52 -20.34 7.25 -20.24
N GLY B 53 -19.25 7.99 -20.16
CA GLY B 53 -18.61 8.55 -21.35
C GLY B 53 -19.31 9.74 -21.96
N ALA B 54 -20.09 10.49 -21.18
CA ALA B 54 -20.82 11.63 -21.73
C ALA B 54 -19.87 12.77 -22.07
N LYS B 55 -18.87 13.01 -21.23
CA LYS B 55 -17.96 14.13 -21.42
C LYS B 55 -16.71 13.70 -22.17
N LYS B 56 -16.27 14.54 -23.11
CA LYS B 56 -15.11 14.22 -23.92
C LYS B 56 -13.85 14.09 -23.07
N ALA B 57 -13.72 14.93 -22.04
CA ALA B 57 -12.56 14.85 -21.16
C ALA B 57 -12.49 13.50 -20.46
N ASP B 58 -13.64 12.95 -20.08
CA ASP B 58 -13.65 11.64 -19.43
C ASP B 58 -13.30 10.53 -20.40
N ARG B 59 -13.82 10.60 -21.64
CA ARG B 59 -13.46 9.61 -22.65
C ARG B 59 -11.97 9.69 -22.98
N ASP B 60 -11.44 10.92 -23.06
CA ASP B 60 -10.01 11.08 -23.29
C ASP B 60 -9.19 10.56 -22.12
N ALA B 61 -9.71 10.70 -20.89
CA ALA B 61 -8.99 10.21 -19.72
C ALA B 61 -8.90 8.69 -19.72
N ALA B 62 -10.00 8.01 -20.03
CA ALA B 62 -9.97 6.55 -20.12
C ALA B 62 -9.01 6.09 -21.22
N ALA B 63 -8.96 6.83 -22.33
CA ALA B 63 -8.05 6.47 -23.41
C ALA B 63 -6.59 6.52 -22.95
N GLU B 64 -6.23 7.57 -22.20
CA GLU B 64 -4.88 7.66 -21.67
C GLU B 64 -4.62 6.60 -20.61
N LYS B 65 -5.60 6.35 -19.74
CA LYS B 65 -5.46 5.31 -18.73
C LYS B 65 -5.20 3.95 -19.38
N LEU B 66 -5.85 3.69 -20.51
CA LEU B 66 -5.62 2.45 -21.24
C LEU B 66 -4.16 2.33 -21.67
N TYR B 67 -3.62 3.38 -22.30
CA TYR B 67 -2.24 3.34 -22.77
C TYR B 67 -1.27 3.15 -21.62
N ASN B 68 -1.43 3.93 -20.54
CA ASN B 68 -0.47 3.91 -19.45
C ASN B 68 -0.54 2.62 -18.63
N LEU B 69 -1.63 1.87 -18.72
CA LEU B 69 -1.74 0.59 -18.03
C LEU B 69 -0.98 -0.53 -18.75
N VAL B 70 -0.85 -0.44 -20.07
CA VAL B 70 -0.29 -1.52 -20.87
C VAL B 70 0.98 -1.15 -21.61
N ASN B 71 1.35 0.14 -21.65
CA ASN B 71 2.51 0.59 -22.42
C ASN B 71 3.75 -0.24 -22.08
N THR B 72 4.10 -0.31 -20.79
CA THR B 72 5.34 -0.95 -20.39
C THR B 72 5.31 -2.45 -20.67
N GLN B 73 4.18 -3.11 -20.44
CA GLN B 73 4.12 -4.55 -20.58
C GLN B 73 4.13 -4.98 -22.05
N LEU B 74 3.40 -4.26 -22.90
CA LEU B 74 3.40 -4.59 -24.32
C LEU B 74 4.74 -4.29 -24.96
N ASP B 75 5.44 -3.26 -24.49
CA ASP B 75 6.71 -2.87 -25.09
C ASP B 75 7.82 -3.86 -24.76
N LYS B 76 7.71 -4.54 -23.60
CA LYS B 76 8.69 -5.54 -23.19
C LYS B 76 8.12 -6.96 -23.25
N LEU B 77 7.04 -7.17 -24.00
CA LEU B 77 6.39 -8.47 -24.03
C LEU B 77 7.32 -9.52 -24.63
N GLY B 78 7.26 -10.73 -24.09
CA GLY B 78 8.11 -11.80 -24.60
C GLY B 78 7.79 -13.12 -23.94
N ASP B 79 8.57 -14.13 -24.35
CA ASP B 79 8.52 -15.48 -23.77
C ASP B 79 7.12 -16.10 -23.86
N GLY B 80 6.35 -15.72 -24.88
CA GLY B 80 5.03 -16.27 -25.09
C GLY B 80 3.92 -15.56 -24.35
N ASP B 81 4.24 -14.58 -23.50
CA ASP B 81 3.21 -13.87 -22.76
C ASP B 81 2.27 -13.13 -23.71
N TYR B 82 1.07 -12.84 -23.22
CA TYR B 82 0.06 -12.17 -24.03
C TYR B 82 -0.80 -11.30 -23.15
N VAL B 83 -1.32 -10.23 -23.74
CA VAL B 83 -2.25 -9.31 -23.08
C VAL B 83 -3.60 -9.42 -23.77
N ASP B 84 -4.67 -9.48 -22.98
CA ASP B 84 -6.02 -9.60 -23.50
C ASP B 84 -6.82 -8.34 -23.16
N PHE B 85 -7.55 -7.84 -24.15
CA PHE B 85 -8.51 -6.75 -23.96
C PHE B 85 -9.90 -7.31 -24.20
N GLU B 86 -10.69 -7.43 -23.14
CA GLU B 86 -12.09 -7.82 -23.26
C GLU B 86 -12.90 -6.54 -23.45
N VAL B 87 -13.43 -6.35 -24.64
CA VAL B 87 -13.98 -5.07 -25.07
C VAL B 87 -15.49 -5.19 -25.21
N THR B 88 -16.22 -4.41 -24.42
CA THR B 88 -17.67 -4.29 -24.54
C THR B 88 -17.98 -3.06 -25.39
N TYR B 89 -18.71 -3.26 -26.49
CA TYR B 89 -18.92 -2.19 -27.45
C TYR B 89 -20.37 -2.14 -27.89
N ASN B 90 -20.76 -0.97 -28.41
CA ASN B 90 -22.07 -0.77 -29.02
C ASN B 90 -21.89 0.23 -30.15
N LEU B 91 -21.80 -0.29 -31.39
CA LEU B 91 -21.53 0.55 -32.55
C LEU B 91 -22.65 1.56 -32.83
N ALA B 92 -23.79 1.47 -32.15
CA ALA B 92 -24.90 2.36 -32.42
C ALA B 92 -24.76 3.72 -31.76
N THR B 93 -23.95 3.82 -30.70
CA THR B 93 -23.70 5.09 -30.05
C THR B 93 -22.43 5.76 -30.56
N GLN B 94 -21.89 5.29 -31.68
CA GLN B 94 -20.74 5.88 -32.33
C GLN B 94 -21.01 7.34 -32.70
N ILE B 95 -20.24 8.26 -32.12
CA ILE B 95 -20.35 9.67 -32.43
C ILE B 95 -19.17 10.09 -33.30
N ILE B 96 -19.22 11.33 -33.79
CA ILE B 96 -18.24 11.86 -34.73
C ILE B 96 -17.81 13.27 -34.32
N THR B 97 -16.69 13.71 -34.90
CA THR B 97 -16.06 14.98 -34.60
C THR B 97 -16.37 16.00 -35.68
N LYS B 98 -15.87 17.24 -35.49
CA LYS B 98 -15.99 18.25 -36.52
C LYS B 98 -15.32 17.81 -37.81
N ALA B 99 -14.11 17.26 -37.71
CA ALA B 99 -13.33 16.90 -38.90
C ALA B 99 -14.09 15.92 -39.78
N GLU B 100 -14.87 15.03 -39.19
CA GLU B 100 -15.65 14.06 -39.97
C GLU B 100 -17.03 14.59 -40.35
N ALA B 101 -17.61 15.48 -39.55
CA ALA B 101 -18.98 15.93 -39.78
C ALA B 101 -19.05 16.97 -40.89
N GLU B 102 -18.21 18.00 -40.83
CA GLU B 102 -18.19 19.00 -41.90
C GLU B 102 -17.60 18.42 -43.18
N ALA B 103 -16.86 17.31 -43.09
CA ALA B 103 -16.29 16.72 -44.29
C ALA B 103 -17.37 16.03 -45.14
N VAL B 104 -18.31 15.35 -44.49
CA VAL B 104 -19.39 14.72 -45.24
C VAL B 104 -20.44 15.74 -45.67
N LEU B 105 -20.65 16.78 -44.85
CA LEU B 105 -21.54 17.86 -45.25
C LEU B 105 -21.06 18.52 -46.54
N THR B 106 -19.78 18.87 -46.60
CA THR B 106 -19.19 19.43 -47.80
C THR B 106 -18.76 18.32 -48.75
N SER B 158 -21.26 19.73 -30.75
CA SER B 158 -20.80 19.53 -29.38
C SER B 158 -19.67 18.51 -29.28
N ASP B 159 -18.54 18.94 -28.72
CA ASP B 159 -17.40 18.05 -28.51
C ASP B 159 -17.79 16.88 -27.61
N ASP B 160 -18.62 17.14 -26.59
CA ASP B 160 -19.06 16.08 -25.69
C ASP B 160 -20.08 15.18 -26.38
N SER B 161 -20.97 15.75 -27.19
CA SER B 161 -22.14 15.03 -27.67
C SER B 161 -21.93 14.36 -29.03
N GLY B 162 -20.99 14.83 -29.83
CA GLY B 162 -20.93 14.44 -31.22
C GLY B 162 -21.60 15.49 -32.11
N TYR B 163 -21.31 15.40 -33.40
CA TYR B 163 -21.78 16.37 -34.38
C TYR B 163 -22.76 15.70 -35.33
N SER B 164 -23.73 16.47 -35.81
CA SER B 164 -24.87 15.92 -36.52
C SER B 164 -25.23 16.78 -37.72
N ILE B 165 -26.04 16.20 -38.60
CA ILE B 165 -26.56 16.88 -39.79
C ILE B 165 -28.05 16.57 -39.90
N ALA B 166 -28.86 17.60 -40.08
CA ALA B 166 -30.30 17.42 -40.23
C ALA B 166 -30.63 16.91 -41.63
N ALA B 198 -30.88 12.24 -41.79
CA ALA B 198 -30.01 12.76 -40.74
C ALA B 198 -28.87 11.79 -40.46
N PHE B 199 -27.65 12.32 -40.34
CA PHE B 199 -26.46 11.50 -40.17
C PHE B 199 -25.68 12.01 -38.96
N ALA B 200 -25.44 11.11 -38.00
CA ALA B 200 -24.60 11.41 -36.84
C ALA B 200 -23.58 10.31 -36.58
N GLY B 201 -23.21 9.56 -37.61
CA GLY B 201 -22.35 8.41 -37.43
C GLY B 201 -23.13 7.18 -37.04
N ASN B 202 -23.01 6.77 -35.77
CA ASN B 202 -23.77 5.66 -35.21
C ASN B 202 -23.56 4.36 -35.99
N GLY B 203 -22.40 4.23 -36.63
CA GLY B 203 -22.11 3.04 -37.41
C GLY B 203 -22.80 2.99 -38.76
N LYS B 204 -22.83 4.10 -39.48
CA LYS B 204 -23.52 4.18 -40.76
C LYS B 204 -22.69 5.00 -41.75
N VAL B 205 -23.12 4.98 -43.00
CA VAL B 205 -22.55 5.82 -44.06
C VAL B 205 -23.69 6.33 -44.94
N ALA B 236 -22.10 -6.87 -36.38
CA ALA B 236 -22.81 -7.01 -35.11
C ALA B 236 -22.79 -5.72 -34.31
N ALA B 237 -23.97 -5.18 -34.02
CA ALA B 237 -24.06 -3.86 -33.39
C ALA B 237 -23.43 -3.86 -32.00
N THR B 238 -23.80 -4.83 -31.17
CA THR B 238 -23.25 -4.94 -29.82
C THR B 238 -22.52 -6.27 -29.66
N GLY B 239 -21.72 -6.35 -28.61
CA GLY B 239 -20.99 -7.57 -28.33
C GLY B 239 -19.86 -7.32 -27.37
N THR B 240 -19.14 -8.42 -27.08
CA THR B 240 -17.96 -8.41 -26.22
C THR B 240 -16.86 -9.19 -26.93
N ILE B 241 -15.86 -8.49 -27.44
CA ILE B 241 -14.79 -9.09 -28.22
C ILE B 241 -13.51 -9.07 -27.41
N LYS B 242 -12.61 -10.01 -27.74
CA LYS B 242 -11.34 -10.18 -27.05
C LYS B 242 -10.21 -9.92 -28.03
N VAL B 243 -9.48 -8.84 -27.82
CA VAL B 243 -8.30 -8.52 -28.60
C VAL B 243 -7.07 -8.99 -27.83
N ARG B 244 -6.23 -9.80 -28.48
CA ARG B 244 -5.02 -10.31 -27.87
C ARG B 244 -3.79 -9.78 -28.59
N VAL B 245 -2.86 -9.23 -27.83
CA VAL B 245 -1.51 -8.96 -28.30
C VAL B 245 -0.61 -10.06 -27.76
N THR B 246 0.04 -10.80 -28.66
CA THR B 246 0.80 -11.98 -28.28
C THR B 246 2.25 -11.85 -28.74
N SER B 247 3.07 -12.77 -28.27
CA SER B 247 4.49 -12.79 -28.60
C SER B 247 4.96 -14.20 -28.93
N ALA C 12 24.13 -2.75 -4.92
CA ALA C 12 23.66 -3.57 -6.02
C ALA C 12 24.51 -3.34 -7.27
N LYS C 13 24.54 -4.33 -8.16
CA LYS C 13 25.45 -4.29 -9.29
C LYS C 13 24.96 -3.34 -10.38
N ILE C 14 25.92 -2.75 -11.08
CA ILE C 14 25.67 -1.91 -12.24
C ILE C 14 26.26 -2.61 -13.46
N THR C 15 25.49 -2.70 -14.53
CA THR C 15 25.89 -3.41 -15.74
C THR C 15 25.91 -2.42 -16.91
N ILE C 16 27.10 -2.11 -17.40
CA ILE C 16 27.29 -1.29 -18.59
C ILE C 16 27.48 -2.22 -19.78
N LYS C 17 26.92 -1.85 -20.92
CA LYS C 17 26.93 -2.74 -22.08
C LYS C 17 26.91 -1.94 -23.37
N ALA C 18 27.44 -2.54 -24.43
CA ALA C 18 27.55 -1.87 -25.72
C ALA C 18 27.70 -2.91 -26.83
N ASN C 19 27.13 -2.60 -28.00
CA ASN C 19 27.32 -3.47 -29.17
C ASN C 19 28.78 -3.56 -29.57
N LYS C 20 29.49 -2.44 -29.43
CA LYS C 20 30.88 -2.26 -29.85
C LYS C 20 31.80 -2.16 -28.64
N LEU C 21 32.95 -2.84 -28.72
CA LEU C 21 33.92 -2.75 -27.65
C LEU C 21 34.43 -1.32 -27.49
N LYS C 22 34.46 -0.55 -28.58
CA LYS C 22 35.02 0.80 -28.53
C LYS C 22 34.13 1.74 -27.73
N ASP C 23 32.81 1.58 -27.84
CA ASP C 23 31.90 2.43 -27.07
C ASP C 23 31.94 2.08 -25.58
N LEU C 24 32.03 0.79 -25.26
CA LEU C 24 32.20 0.38 -23.87
C LEU C 24 33.50 0.94 -23.31
N LYS C 25 34.58 0.91 -24.10
CA LYS C 25 35.86 1.45 -23.66
C LYS C 25 35.75 2.95 -23.36
N ASP C 26 35.09 3.69 -24.25
CA ASP C 26 34.99 5.14 -24.06
C ASP C 26 34.18 5.47 -22.82
N TYR C 27 33.09 4.74 -22.57
CA TYR C 27 32.30 4.98 -21.37
C TYR C 27 33.10 4.68 -20.10
N VAL C 28 33.79 3.54 -20.09
CA VAL C 28 34.55 3.16 -18.90
C VAL C 28 35.72 4.11 -18.70
N ASP C 29 36.37 4.54 -19.80
CA ASP C 29 37.43 5.52 -19.70
C ASP C 29 36.92 6.81 -19.06
N ASP C 30 35.79 7.33 -19.55
CA ASP C 30 35.19 8.52 -18.96
C ASP C 30 34.86 8.29 -17.48
N LEU C 31 34.27 7.13 -17.17
CA LEU C 31 33.93 6.82 -15.79
C LEU C 31 35.15 6.85 -14.89
N LYS C 32 36.27 6.30 -15.36
CA LYS C 32 37.50 6.29 -14.58
C LYS C 32 38.01 7.71 -14.35
N THR C 33 37.96 8.55 -15.39
CA THR C 33 38.41 9.93 -15.25
C THR C 33 37.61 10.68 -14.20
N TYR C 34 36.28 10.60 -14.29
CA TYR C 34 35.44 11.36 -13.37
C TYR C 34 35.52 10.79 -11.95
N ASN C 35 35.62 9.47 -11.82
CA ASN C 35 35.79 8.88 -10.49
C ASN C 35 37.07 9.35 -9.82
N ASN C 36 38.09 9.69 -10.62
CA ASN C 36 39.40 10.05 -10.09
C ASN C 36 39.53 11.53 -9.74
N THR C 37 38.64 12.38 -10.23
CA THR C 37 38.69 13.80 -9.92
C THR C 37 38.16 14.13 -8.52
N TYR C 38 37.66 13.14 -7.79
CA TYR C 38 37.23 13.34 -6.42
C TYR C 38 38.28 12.82 -5.44
#